data_6TYM
#
_entry.id   6TYM
#
_cell.length_a   63.882
_cell.length_b   91.766
_cell.length_c   96.951
_cell.angle_alpha   90.000
_cell.angle_beta   90.000
_cell.angle_gamma   90.000
#
_symmetry.space_group_name_H-M   'I 2 2 2'
#
loop_
_entity.id
_entity.type
_entity.pdbx_description
1 polymer 'Kelch-like ECH-associated protein 1'
2 non-polymer GLYCEROL
3 non-polymer 'DIMETHYL SULFOXIDE'
4 non-polymer '(3S)-3-[2-(benzenecarbonyl)-5-methyl-1,2,3,4-tetrahydroisoquinolin-7-yl]-3-(1-ethyl-4-methyl-1H-benzotriazol-5-yl)propanoic acid'
5 water water
#
_entity_poly.entity_id   1
_entity_poly.type   'polypeptide(L)'
_entity_poly.pdbx_seq_one_letter_code
;GSHMAPKVGRLIYTAGGYFRQSLSYLEAYNPSDGTWLRLADLQVPRSGLAGCVVGGLLYAVGGRNNSPDGNTDSSALDCY
NPMTNQWSPCAPMSVPRNRIGVGVIDGHIYAVGGSHGCIHHNSVERYEPERDEWHLVAPMLTRRIGVGVAVLNRLLYAVG
GFDGTNRLNSAECYYPERNEWRMITAMNTIRSGAGVCVLHNCIYAAGGYDGQDQLNSVERYDVETETWTFVAPMKHRRSA
LGITVHQGRIYVLGGYDGHTFLDSVECYDPDTDTWSEVTRMTSGRSGVGVAVT
;
_entity_poly.pdbx_strand_id   A
#
loop_
_chem_comp.id
_chem_comp.type
_chem_comp.name
_chem_comp.formula
08A non-polymer '(3S)-3-[2-(benzenecarbonyl)-5-methyl-1,2,3,4-tetrahydroisoquinolin-7-yl]-3-(1-ethyl-4-methyl-1H-benzotriazol-5-yl)propanoic acid' 'C29 H30 N4 O3'
DMS non-polymer 'DIMETHYL SULFOXIDE' 'C2 H6 O S'
GOL non-polymer GLYCEROL 'C3 H8 O3'
#
# COMPACT_ATOMS: atom_id res chain seq x y z
N GLY A 9 -16.20 16.32 2.20
CA GLY A 9 -15.82 15.06 2.84
C GLY A 9 -14.57 14.41 2.24
N ARG A 10 -13.79 13.71 3.07
CA ARG A 10 -12.63 13.02 2.53
C ARG A 10 -13.09 11.80 1.75
N LEU A 11 -12.34 11.47 0.70
CA LEU A 11 -12.66 10.33 -0.17
C LEU A 11 -11.55 9.30 -0.14
N ILE A 12 -11.91 8.04 -0.38
CA ILE A 12 -10.91 6.96 -0.48
C ILE A 12 -10.63 6.74 -1.97
N TYR A 13 -9.40 6.98 -2.41
CA TYR A 13 -9.01 6.88 -3.82
C TYR A 13 -8.32 5.54 -4.04
N THR A 14 -8.66 4.89 -5.15
CA THR A 14 -7.94 3.72 -5.62
C THR A 14 -7.39 3.99 -7.01
N ALA A 15 -6.08 3.78 -7.18
CA ALA A 15 -5.44 4.05 -8.46
C ALA A 15 -4.78 2.77 -9.00
N GLY A 16 -4.88 2.57 -10.30
CA GLY A 16 -4.22 1.43 -10.99
C GLY A 16 -4.70 0.07 -10.50
N GLY A 17 -3.81 -0.89 -10.60
CA GLY A 17 -4.09 -2.24 -10.19
C GLY A 17 -3.92 -3.24 -11.34
N TYR A 18 -4.46 -4.42 -11.13
CA TYR A 18 -4.28 -5.56 -12.04
C TYR A 18 -5.61 -6.28 -12.16
N PHE A 19 -6.06 -6.44 -13.43
CA PHE A 19 -7.10 -7.40 -13.75
C PHE A 19 -6.87 -7.80 -15.19
N ARG A 20 -6.29 -8.98 -15.36
CA ARG A 20 -5.85 -9.43 -16.69
C ARG A 20 -4.76 -8.62 -17.40
N GLN A 21 -4.38 -7.47 -16.85
CA GLN A 21 -3.37 -6.52 -17.33
C GLN A 21 -3.33 -5.41 -16.30
N SER A 22 -2.27 -4.60 -16.38
CA SER A 22 -2.19 -3.37 -15.59
C SER A 22 -3.41 -2.47 -15.94
N LEU A 23 -3.83 -1.72 -14.94
CA LEU A 23 -5.05 -0.91 -15.08
C LEU A 23 -4.72 0.58 -14.92
N SER A 24 -5.52 1.42 -15.56
CA SER A 24 -5.39 2.86 -15.44
C SER A 24 -6.47 3.47 -14.59
N TYR A 25 -7.33 2.71 -13.93
CA TYR A 25 -8.50 3.30 -13.24
C TYR A 25 -8.09 4.18 -12.07
N LEU A 26 -8.73 5.34 -11.95
CA LEU A 26 -8.71 6.14 -10.73
C LEU A 26 -10.15 6.32 -10.33
N GLU A 27 -10.50 5.83 -9.15
CA GLU A 27 -11.89 5.96 -8.65
C GLU A 27 -11.87 6.37 -7.20
N ALA A 28 -12.92 7.05 -6.74
CA ALA A 28 -12.97 7.49 -5.35
C ALA A 28 -14.30 7.09 -4.72
N TYR A 29 -14.22 6.59 -3.51
CA TYR A 29 -15.37 6.13 -2.74
C TYR A 29 -15.65 7.10 -1.61
N ASN A 30 -16.94 7.50 -1.49
CA ASN A 30 -17.32 8.39 -0.40
C ASN A 30 -17.97 7.58 0.72
N PRO A 31 -17.33 7.40 1.86
CA PRO A 31 -17.94 6.68 2.98
C PRO A 31 -19.21 7.31 3.48
N SER A 32 -19.42 8.60 3.24
N SER A 32 -19.39 8.62 3.29
CA SER A 32 -20.59 9.26 3.81
CA SER A 32 -20.60 9.28 3.79
C SER A 32 -21.89 8.77 3.18
C SER A 32 -21.86 8.66 3.20
N ASP A 33 -21.88 8.51 1.88
CA ASP A 33 -23.03 8.00 1.17
C ASP A 33 -22.89 6.68 0.40
N GLY A 34 -21.70 6.08 0.40
CA GLY A 34 -21.51 4.78 -0.26
C GLY A 34 -21.33 4.85 -1.74
N THR A 35 -21.08 6.00 -2.30
CA THR A 35 -21.04 6.07 -3.75
C THR A 35 -19.60 6.12 -4.26
N TRP A 36 -19.46 5.74 -5.53
CA TRP A 36 -18.21 5.72 -6.24
C TRP A 36 -18.22 6.73 -7.37
N LEU A 37 -17.07 7.36 -7.57
CA LEU A 37 -16.88 8.31 -8.65
C LEU A 37 -15.71 7.85 -9.50
N ARG A 38 -15.82 7.99 -10.80
CA ARG A 38 -14.75 7.67 -11.73
C ARG A 38 -14.03 8.98 -12.06
N LEU A 39 -12.71 8.93 -12.01
CA LEU A 39 -11.90 10.15 -12.19
C LEU A 39 -10.89 9.96 -13.33
N ALA A 40 -10.07 10.97 -13.58
CA ALA A 40 -9.17 10.91 -14.71
C ALA A 40 -8.26 9.68 -14.66
N ASP A 41 -8.12 9.00 -15.80
CA ASP A 41 -7.29 7.80 -15.89
C ASP A 41 -5.82 8.11 -15.63
N LEU A 42 -5.12 7.17 -15.03
CA LEU A 42 -3.66 7.22 -15.03
C LEU A 42 -3.19 7.27 -16.46
N GLN A 43 -2.14 8.05 -16.70
CA GLN A 43 -1.59 8.15 -18.05
C GLN A 43 -1.01 6.83 -18.53
N VAL A 44 -0.43 6.04 -17.61
CA VAL A 44 0.22 4.79 -17.93
C VAL A 44 -0.41 3.76 -16.99
N PRO A 45 -1.15 2.76 -17.50
CA PRO A 45 -1.70 1.70 -16.62
C PRO A 45 -0.58 1.03 -15.83
N ARG A 46 -0.78 0.83 -14.51
CA ARG A 46 0.28 0.24 -13.69
C ARG A 46 -0.39 -0.61 -12.60
N SER A 47 0.14 -1.80 -12.36
CA SER A 47 -0.12 -2.61 -11.18
C SER A 47 1.06 -2.55 -10.22
N GLY A 48 0.82 -2.92 -8.97
CA GLY A 48 1.94 -3.02 -8.03
C GLY A 48 2.55 -1.70 -7.61
N LEU A 49 1.79 -0.63 -7.78
CA LEU A 49 2.13 0.72 -7.37
C LEU A 49 1.59 0.98 -5.95
N ALA A 50 1.96 2.13 -5.43
CA ALA A 50 1.43 2.54 -4.13
C ALA A 50 0.93 3.98 -4.26
N GLY A 51 -0.02 4.33 -3.38
CA GLY A 51 -0.56 5.71 -3.39
C GLY A 51 -0.29 6.38 -2.06
N CYS A 52 -0.27 7.71 -2.06
CA CYS A 52 -0.21 8.46 -0.82
C CYS A 52 -0.70 9.86 -1.13
N VAL A 53 -0.87 10.65 -0.10
CA VAL A 53 -1.34 12.02 -0.23
C VAL A 53 -0.38 12.96 0.46
N VAL A 54 -0.10 14.09 -0.20
CA VAL A 54 0.66 15.19 0.41
C VAL A 54 0.00 16.47 -0.04
N GLY A 55 -0.33 17.36 0.89
CA GLY A 55 -0.87 18.65 0.46
C GLY A 55 -2.20 18.54 -0.26
N GLY A 56 -2.99 17.51 0.04
CA GLY A 56 -4.23 17.32 -0.66
C GLY A 56 -4.10 16.74 -2.04
N LEU A 57 -2.91 16.41 -2.49
CA LEU A 57 -2.67 15.84 -3.82
C LEU A 57 -2.37 14.36 -3.69
N LEU A 58 -2.86 13.56 -4.62
CA LEU A 58 -2.62 12.11 -4.65
C LEU A 58 -1.39 11.78 -5.53
N TYR A 59 -0.49 10.98 -5.01
CA TYR A 59 0.66 10.50 -5.77
C TYR A 59 0.55 9.01 -6.00
N ALA A 60 0.86 8.61 -7.24
CA ALA A 60 0.96 7.23 -7.69
C ALA A 60 2.44 6.94 -7.95
N VAL A 61 2.94 5.92 -7.26
CA VAL A 61 4.39 5.69 -7.17
C VAL A 61 4.74 4.26 -7.66
N GLY A 62 5.62 4.18 -8.64
CA GLY A 62 6.18 2.87 -9.02
C GLY A 62 5.17 1.98 -9.71
N GLY A 63 5.40 0.65 -9.60
CA GLY A 63 4.52 -0.33 -10.23
C GLY A 63 5.12 -0.96 -11.48
N ARG A 64 4.26 -1.42 -12.37
CA ARG A 64 4.64 -2.24 -13.52
C ARG A 64 3.60 -2.02 -14.59
N ASN A 65 4.04 -1.91 -15.83
CA ASN A 65 3.10 -1.74 -16.92
C ASN A 65 3.19 -2.91 -17.90
N ASN A 66 2.02 -3.36 -18.43
CA ASN A 66 1.95 -4.28 -19.58
C ASN A 66 1.70 -3.51 -20.89
N SER A 67 2.47 -3.83 -21.91
CA SER A 67 2.34 -3.23 -23.23
C SER A 67 2.56 -4.32 -24.26
N PRO A 68 2.13 -4.13 -25.52
CA PRO A 68 2.42 -5.15 -26.54
C PRO A 68 3.92 -5.38 -26.71
N ASP A 69 4.75 -4.36 -26.48
CA ASP A 69 6.20 -4.42 -26.63
C ASP A 69 6.91 -5.04 -25.42
N GLY A 70 6.20 -5.37 -24.34
CA GLY A 70 6.85 -6.01 -23.21
C GLY A 70 6.34 -5.43 -21.90
N ASN A 71 6.68 -6.06 -20.77
CA ASN A 71 6.24 -5.61 -19.47
C ASN A 71 7.41 -4.91 -18.79
N THR A 72 7.14 -3.77 -18.14
CA THR A 72 8.23 -2.90 -17.66
CA THR A 72 8.27 -3.01 -17.60
C THR A 72 7.94 -2.49 -16.22
N ASP A 73 8.95 -2.62 -15.35
CA ASP A 73 8.82 -2.08 -13.99
C ASP A 73 9.03 -0.55 -14.05
N SER A 74 8.32 0.15 -13.19
CA SER A 74 8.20 1.59 -13.30
C SER A 74 8.95 2.34 -12.20
N SER A 75 9.68 3.38 -12.62
CA SER A 75 10.24 4.36 -11.70
C SER A 75 9.38 5.59 -11.58
N ALA A 76 8.17 5.55 -12.10
CA ALA A 76 7.40 6.79 -12.24
C ALA A 76 6.81 7.29 -10.93
N LEU A 77 6.70 8.61 -10.87
CA LEU A 77 5.92 9.32 -9.86
C LEU A 77 5.00 10.28 -10.58
N ASP A 78 3.71 10.14 -10.32
CA ASP A 78 2.72 11.00 -10.95
C ASP A 78 1.80 11.58 -9.88
N CYS A 79 1.33 12.80 -10.10
CA CYS A 79 0.54 13.51 -9.12
C CYS A 79 -0.82 13.84 -9.69
N TYR A 80 -1.87 13.58 -8.92
CA TYR A 80 -3.25 13.87 -9.28
C TYR A 80 -3.81 14.95 -8.36
N ASN A 81 -4.40 15.98 -8.96
CA ASN A 81 -5.04 17.06 -8.19
C ASN A 81 -6.55 16.87 -8.27
N PRO A 82 -7.22 16.57 -7.16
CA PRO A 82 -8.67 16.33 -7.18
C PRO A 82 -9.44 17.56 -7.60
N MET A 83 -8.89 18.74 -7.44
CA MET A 83 -9.63 19.96 -7.77
C MET A 83 -9.65 20.22 -9.28
N THR A 84 -8.62 19.84 -9.98
CA THR A 84 -8.58 20.01 -11.43
C THR A 84 -8.85 18.71 -12.18
N ASN A 85 -8.88 17.57 -11.48
CA ASN A 85 -9.03 16.26 -12.13
C ASN A 85 -7.97 16.04 -13.19
N GLN A 86 -6.73 16.43 -12.90
CA GLN A 86 -5.62 16.29 -13.84
C GLN A 86 -4.45 15.56 -13.18
N TRP A 87 -3.81 14.66 -13.95
CA TRP A 87 -2.55 14.07 -13.57
C TRP A 87 -1.39 14.87 -14.17
N SER A 88 -0.26 14.94 -13.45
CA SER A 88 0.97 15.61 -13.91
CA SER A 88 0.96 15.57 -13.95
C SER A 88 2.16 14.72 -13.55
N PRO A 89 3.11 14.54 -14.45
CA PRO A 89 4.32 13.78 -14.11
C PRO A 89 5.22 14.54 -13.17
N CYS A 90 5.93 13.76 -12.34
CA CYS A 90 6.94 14.27 -11.42
C CYS A 90 8.28 13.64 -11.78
N ALA A 91 9.32 14.05 -11.07
CA ALA A 91 10.61 13.41 -11.28
C ALA A 91 10.54 11.92 -10.95
N PRO A 92 11.16 11.07 -11.75
CA PRO A 92 11.17 9.62 -11.44
C PRO A 92 12.12 9.28 -10.33
N MET A 93 11.84 8.13 -9.71
CA MET A 93 12.75 7.60 -8.73
C MET A 93 14.07 7.17 -9.37
N SER A 94 15.07 6.90 -8.51
CA SER A 94 16.39 6.48 -8.99
C SER A 94 16.37 5.14 -9.70
N VAL A 95 15.42 4.28 -9.37
CA VAL A 95 15.33 2.91 -9.90
C VAL A 95 13.87 2.57 -10.03
N PRO A 96 13.50 1.66 -10.96
CA PRO A 96 12.15 1.13 -10.99
C PRO A 96 11.84 0.40 -9.72
N ARG A 97 10.57 0.49 -9.28
CA ARG A 97 10.21 -0.18 -8.03
C ARG A 97 8.79 -0.73 -8.25
N ASN A 98 8.70 -2.01 -8.62
CA ASN A 98 7.43 -2.73 -8.77
C ASN A 98 7.14 -3.43 -7.44
N ARG A 99 5.85 -3.44 -6.96
CA ARG A 99 5.50 -4.07 -5.67
C ARG A 99 6.21 -3.31 -4.55
N ILE A 100 6.08 -1.98 -4.65
CA ILE A 100 6.69 -0.94 -3.76
C ILE A 100 5.80 -0.74 -2.53
N GLY A 101 6.40 -0.25 -1.44
CA GLY A 101 5.63 0.35 -0.35
C GLY A 101 6.00 1.81 -0.22
N VAL A 102 5.06 2.64 0.25
CA VAL A 102 5.27 4.08 0.41
CA VAL A 102 5.31 4.07 0.45
C VAL A 102 4.70 4.56 1.75
N GLY A 103 5.34 5.55 2.35
CA GLY A 103 4.76 6.26 3.48
C GLY A 103 5.23 7.72 3.45
N VAL A 104 4.51 8.55 4.18
CA VAL A 104 4.75 10.00 4.20
C VAL A 104 5.12 10.43 5.60
N ILE A 105 6.20 11.21 5.73
CA ILE A 105 6.55 11.84 6.99
C ILE A 105 6.93 13.27 6.70
N ASP A 106 6.32 14.22 7.41
CA ASP A 106 6.69 15.64 7.27
C ASP A 106 6.63 16.11 5.83
N GLY A 107 5.59 15.67 5.12
CA GLY A 107 5.36 16.06 3.74
C GLY A 107 6.34 15.51 2.74
N HIS A 108 7.16 14.53 3.09
CA HIS A 108 8.08 13.85 2.18
C HIS A 108 7.59 12.44 1.95
N ILE A 109 7.70 11.96 0.73
CA ILE A 109 7.29 10.61 0.34
C ILE A 109 8.50 9.70 0.42
N TYR A 110 8.35 8.60 1.13
CA TYR A 110 9.40 7.57 1.17
C TYR A 110 8.98 6.37 0.32
N ALA A 111 9.81 6.06 -0.68
CA ALA A 111 9.65 4.92 -1.57
C ALA A 111 10.52 3.77 -1.05
N VAL A 112 9.89 2.64 -0.74
CA VAL A 112 10.59 1.58 0.01
C VAL A 112 10.59 0.30 -0.80
N GLY A 113 11.79 -0.27 -1.04
CA GLY A 113 11.86 -1.59 -1.61
C GLY A 113 11.27 -1.70 -3.02
N GLY A 114 10.61 -2.85 -3.26
CA GLY A 114 10.13 -3.18 -4.59
C GLY A 114 11.24 -3.80 -5.43
N SER A 115 10.87 -4.19 -6.65
CA SER A 115 11.79 -4.90 -7.52
C SER A 115 11.98 -4.20 -8.83
N HIS A 116 13.09 -4.50 -9.49
CA HIS A 116 13.33 -4.09 -10.87
C HIS A 116 13.90 -5.34 -11.52
N GLY A 117 13.05 -5.98 -12.31
CA GLY A 117 13.44 -7.30 -12.80
C GLY A 117 13.78 -8.25 -11.65
N CYS A 118 14.93 -8.89 -11.76
CA CYS A 118 15.38 -9.79 -10.72
C CYS A 118 15.93 -9.07 -9.50
N ILE A 119 16.13 -7.75 -9.58
CA ILE A 119 16.72 -7.05 -8.42
C ILE A 119 15.61 -6.78 -7.38
N HIS A 120 15.81 -7.27 -6.15
CA HIS A 120 14.89 -7.04 -5.02
C HIS A 120 15.56 -5.96 -4.19
N HIS A 121 14.98 -4.76 -4.15
CA HIS A 121 15.71 -3.68 -3.52
C HIS A 121 15.61 -3.75 -2.00
N ASN A 122 16.73 -3.41 -1.36
CA ASN A 122 16.64 -2.91 0.03
C ASN A 122 16.71 -1.39 0.09
N SER A 123 16.99 -0.72 -1.04
CA SER A 123 17.14 0.73 -0.99
C SER A 123 15.79 1.42 -0.75
N VAL A 124 15.92 2.65 -0.26
CA VAL A 124 14.82 3.51 0.12
C VAL A 124 15.19 4.91 -0.36
N GLU A 125 14.22 5.64 -0.90
CA GLU A 125 14.49 7.02 -1.31
C GLU A 125 13.34 7.93 -0.94
N ARG A 126 13.66 9.22 -0.85
CA ARG A 126 12.75 10.19 -0.28
C ARG A 126 12.50 11.31 -1.26
N TYR A 127 11.24 11.72 -1.45
CA TYR A 127 10.89 12.76 -2.41
C TYR A 127 10.41 14.00 -1.67
N GLU A 128 10.91 15.18 -2.09
CA GLU A 128 10.47 16.44 -1.54
C GLU A 128 9.63 17.15 -2.59
N PRO A 129 8.31 17.22 -2.44
CA PRO A 129 7.48 17.84 -3.48
C PRO A 129 7.90 19.22 -3.89
N GLU A 130 8.22 20.09 -2.94
CA GLU A 130 8.53 21.48 -3.26
C GLU A 130 9.75 21.60 -4.19
N ARG A 131 10.65 20.60 -4.17
CA ARG A 131 11.84 20.66 -5.03
C ARG A 131 11.77 19.63 -6.16
N ASP A 132 10.71 18.82 -6.23
CA ASP A 132 10.61 17.70 -7.20
C ASP A 132 11.91 16.91 -7.27
N GLU A 133 12.38 16.50 -6.09
CA GLU A 133 13.71 15.84 -5.99
C GLU A 133 13.57 14.58 -5.17
N TRP A 134 14.15 13.50 -5.65
CA TRP A 134 14.33 12.24 -4.89
C TRP A 134 15.78 12.13 -4.44
N HIS A 135 16.01 11.61 -3.24
N HIS A 135 15.99 11.60 -3.23
CA HIS A 135 17.38 11.24 -2.86
CA HIS A 135 17.33 11.24 -2.78
C HIS A 135 17.34 9.99 -1.99
C HIS A 135 17.27 9.91 -2.04
N LEU A 136 18.32 9.09 -2.18
CA LEU A 136 18.40 7.87 -1.39
C LEU A 136 18.65 8.23 0.07
N VAL A 137 18.05 7.45 0.94
CA VAL A 137 18.29 7.48 2.40
C VAL A 137 18.89 6.13 2.76
N ALA A 138 19.03 5.84 4.07
CA ALA A 138 19.70 4.59 4.44
C ALA A 138 18.86 3.41 3.97
N PRO A 139 19.48 2.36 3.46
CA PRO A 139 18.72 1.20 2.98
C PRO A 139 18.19 0.37 4.13
N MET A 140 17.10 -0.36 3.84
CA MET A 140 16.61 -1.32 4.86
C MET A 140 17.64 -2.42 5.14
N LEU A 141 17.43 -3.13 6.27
CA LEU A 141 18.25 -4.26 6.59
C LEU A 141 17.93 -5.46 5.75
N THR A 142 16.73 -5.53 5.21
CA THR A 142 16.25 -6.69 4.43
C THR A 142 15.78 -6.18 3.08
N ARG A 143 16.09 -6.94 2.00
CA ARG A 143 15.46 -6.68 0.69
C ARG A 143 13.98 -7.05 0.82
N ARG A 144 13.08 -6.17 0.37
CA ARG A 144 11.65 -6.42 0.53
C ARG A 144 10.88 -5.94 -0.68
N ILE A 145 10.21 -6.88 -1.34
CA ILE A 145 9.21 -6.54 -2.36
C ILE A 145 7.87 -6.95 -1.86
N GLY A 146 6.82 -6.28 -2.31
CA GLY A 146 5.51 -6.62 -1.72
C GLY A 146 5.42 -6.24 -0.24
N VAL A 147 6.18 -5.27 0.14
CA VAL A 147 6.30 -4.75 1.50
C VAL A 147 5.15 -3.78 1.80
N GLY A 148 4.62 -3.88 3.01
CA GLY A 148 3.60 -2.96 3.47
C GLY A 148 4.26 -1.88 4.31
N VAL A 149 3.82 -0.64 4.17
CA VAL A 149 4.49 0.49 4.84
C VAL A 149 3.46 1.34 5.55
N ALA A 150 3.78 1.75 6.77
CA ALA A 150 2.94 2.75 7.39
C ALA A 150 3.78 3.63 8.28
N VAL A 151 3.21 4.75 8.71
CA VAL A 151 3.89 5.74 9.51
C VAL A 151 3.15 5.94 10.82
N LEU A 152 3.91 6.02 11.91
CA LEU A 152 3.30 6.23 13.21
C LEU A 152 4.30 7.05 14.01
N ASN A 153 3.82 8.17 14.56
CA ASN A 153 4.69 9.00 15.42
C ASN A 153 5.99 9.40 14.68
N ARG A 154 5.84 9.72 13.40
CA ARG A 154 6.94 10.22 12.56
C ARG A 154 8.07 9.22 12.38
N LEU A 155 7.76 7.93 12.56
CA LEU A 155 8.65 6.83 12.20
C LEU A 155 7.99 5.99 11.10
N LEU A 156 8.80 5.39 10.25
CA LEU A 156 8.32 4.69 9.05
C LEU A 156 8.55 3.21 9.27
N TYR A 157 7.51 2.40 9.08
CA TYR A 157 7.60 0.95 9.29
C TYR A 157 7.46 0.21 7.98
N ALA A 158 8.33 -0.76 7.77
CA ALA A 158 8.34 -1.67 6.62
C ALA A 158 8.07 -3.08 7.11
N VAL A 159 6.98 -3.66 6.65
CA VAL A 159 6.39 -4.89 7.25
C VAL A 159 6.29 -5.99 6.19
N GLY A 160 6.88 -7.15 6.48
CA GLY A 160 6.69 -8.32 5.63
C GLY A 160 7.35 -8.14 4.28
N GLY A 161 6.79 -8.86 3.33
CA GLY A 161 7.24 -8.83 1.95
C GLY A 161 7.98 -10.10 1.59
N PHE A 162 8.81 -10.00 0.54
CA PHE A 162 9.52 -11.14 -0.05
C PHE A 162 10.94 -10.66 -0.36
N ASP A 163 11.94 -11.47 0.04
CA ASP A 163 13.32 -11.04 -0.06
C ASP A 163 14.07 -11.61 -1.28
N GLY A 164 13.36 -12.30 -2.19
CA GLY A 164 14.00 -12.96 -3.33
C GLY A 164 13.98 -14.45 -3.19
N THR A 165 13.88 -14.94 -1.94
CA THR A 165 13.79 -16.37 -1.67
C THR A 165 12.64 -16.68 -0.75
N ASN A 166 12.48 -15.91 0.34
CA ASN A 166 11.50 -16.18 1.37
C ASN A 166 10.45 -15.08 1.48
N ARG A 167 9.22 -15.47 1.80
CA ARG A 167 8.26 -14.47 2.27
C ARG A 167 8.60 -14.26 3.74
N LEU A 168 8.27 -13.06 4.24
CA LEU A 168 8.83 -12.61 5.49
C LEU A 168 7.81 -12.33 6.57
N ASN A 169 8.12 -12.69 7.83
CA ASN A 169 7.35 -12.17 8.96
C ASN A 169 8.06 -11.02 9.64
N SER A 170 9.27 -10.68 9.23
CA SER A 170 10.04 -9.60 9.87
C SER A 170 9.47 -8.25 9.50
N ALA A 171 9.90 -7.24 10.28
CA ALA A 171 9.50 -5.85 10.09
C ALA A 171 10.60 -4.98 10.67
N GLU A 172 10.69 -3.78 10.12
CA GLU A 172 11.74 -2.85 10.56
C GLU A 172 11.23 -1.42 10.51
N CYS A 173 11.87 -0.57 11.30
CA CYS A 173 11.48 0.81 11.49
C CYS A 173 12.62 1.73 11.10
N TYR A 174 12.29 2.83 10.40
CA TYR A 174 13.26 3.86 10.00
C TYR A 174 13.03 5.10 10.83
N TYR A 175 14.13 5.62 11.35
CA TYR A 175 14.17 6.78 12.23
C TYR A 175 14.78 7.91 11.42
N PRO A 176 13.96 8.82 10.92
CA PRO A 176 14.51 9.87 10.03
C PRO A 176 15.56 10.73 10.69
N GLU A 177 15.47 10.96 12.00
CA GLU A 177 16.45 11.81 12.64
C GLU A 177 17.81 11.15 12.78
N ARG A 178 17.86 9.81 12.75
CA ARG A 178 19.10 9.08 12.82
C ARG A 178 19.56 8.58 11.46
N ASN A 179 18.70 8.66 10.43
CA ASN A 179 18.89 7.97 9.17
C ASN A 179 19.34 6.51 9.39
N GLU A 180 18.53 5.78 10.15
CA GLU A 180 18.88 4.37 10.38
C GLU A 180 17.62 3.54 10.47
N TRP A 181 17.78 2.27 10.11
CA TRP A 181 16.74 1.28 10.26
C TRP A 181 17.10 0.33 11.39
N ARG A 182 16.08 -0.08 12.15
CA ARG A 182 16.23 -1.12 13.16
C ARG A 182 15.05 -2.08 13.09
N MET A 183 15.33 -3.36 13.28
CA MET A 183 14.24 -4.32 13.30
C MET A 183 13.27 -4.01 14.44
N ILE A 184 12.02 -4.37 14.22
CA ILE A 184 11.10 -4.39 15.32
C ILE A 184 10.72 -5.86 15.54
N THR A 185 9.83 -6.08 16.54
CA THR A 185 9.31 -7.45 16.78
C THR A 185 8.73 -8.03 15.49
N ALA A 186 9.10 -9.28 15.20
CA ALA A 186 8.54 -9.98 14.04
C ALA A 186 7.08 -10.32 14.22
N MET A 187 6.32 -10.34 13.12
CA MET A 187 4.92 -10.72 13.18
C MET A 187 4.75 -12.20 13.56
N ASN A 188 3.50 -12.56 13.91
CA ASN A 188 3.21 -13.98 14.11
C ASN A 188 3.21 -14.75 12.79
N THR A 189 2.89 -14.07 11.66
CA THR A 189 2.63 -14.73 10.39
C THR A 189 3.51 -14.16 9.31
N ILE A 190 4.02 -15.05 8.46
CA ILE A 190 4.65 -14.65 7.21
C ILE A 190 3.65 -13.99 6.27
N ARG A 191 3.96 -12.78 5.76
CA ARG A 191 3.00 -12.08 4.88
C ARG A 191 3.76 -11.26 3.84
N SER A 192 3.45 -11.49 2.55
CA SER A 192 3.84 -10.62 1.47
CA SER A 192 3.83 -10.56 1.50
C SER A 192 2.55 -10.08 0.83
N GLY A 193 2.59 -8.84 0.39
CA GLY A 193 1.37 -8.27 -0.16
C GLY A 193 0.27 -8.12 0.86
N ALA A 194 0.61 -7.88 2.13
CA ALA A 194 -0.41 -7.56 3.11
C ALA A 194 -0.80 -6.09 2.98
N GLY A 195 -2.01 -5.82 3.50
CA GLY A 195 -2.43 -4.41 3.71
C GLY A 195 -1.85 -3.97 5.05
N VAL A 196 -1.07 -2.89 5.07
CA VAL A 196 -0.44 -2.39 6.32
C VAL A 196 -0.88 -0.95 6.53
N CYS A 197 -1.38 -0.65 7.73
CA CYS A 197 -1.85 0.71 8.00
C CYS A 197 -1.71 0.99 9.48
N VAL A 198 -2.04 2.21 9.90
CA VAL A 198 -1.91 2.63 11.30
CA VAL A 198 -1.90 2.65 11.30
C VAL A 198 -3.27 3.10 11.79
N LEU A 199 -3.66 2.63 12.97
CA LEU A 199 -4.90 3.09 13.62
C LEU A 199 -4.71 3.05 15.13
N HIS A 200 -4.88 4.21 15.76
CA HIS A 200 -4.85 4.32 17.23
C HIS A 200 -3.59 3.68 17.85
N ASN A 201 -2.45 4.17 17.39
CA ASN A 201 -1.17 3.74 18.03
C ASN A 201 -0.79 2.29 17.76
N CYS A 202 -1.43 1.63 16.80
CA CYS A 202 -1.05 0.28 16.38
C CYS A 202 -0.88 0.21 14.88
N ILE A 203 0.06 -0.63 14.46
CA ILE A 203 0.27 -0.94 13.05
C ILE A 203 -0.46 -2.24 12.77
N TYR A 204 -1.38 -2.23 11.81
CA TYR A 204 -2.09 -3.46 11.41
C TYR A 204 -1.49 -4.06 10.16
N ALA A 205 -1.50 -5.38 10.12
CA ALA A 205 -1.08 -6.15 8.93
C ALA A 205 -2.23 -7.09 8.63
N ALA A 206 -2.90 -6.86 7.49
CA ALA A 206 -4.10 -7.58 7.11
C ALA A 206 -3.87 -8.42 5.87
N GLY A 207 -4.17 -9.73 5.97
CA GLY A 207 -4.09 -10.59 4.79
C GLY A 207 -2.65 -10.78 4.33
N GLY A 208 -2.53 -10.96 3.02
CA GLY A 208 -1.25 -11.25 2.41
C GLY A 208 -1.16 -12.67 1.90
N TYR A 209 0.08 -13.01 1.51
CA TYR A 209 0.41 -14.30 0.92
C TYR A 209 1.61 -14.86 1.65
N ASP A 210 1.57 -16.15 1.97
CA ASP A 210 2.69 -16.76 2.70
C ASP A 210 3.47 -17.72 1.84
N GLY A 211 3.19 -17.79 0.54
CA GLY A 211 3.84 -18.76 -0.32
C GLY A 211 2.99 -19.95 -0.55
N GLN A 212 1.98 -20.12 0.24
CA GLN A 212 1.08 -21.25 0.09
C GLN A 212 -0.35 -20.80 -0.12
N ASP A 213 -0.82 -19.81 0.63
CA ASP A 213 -2.18 -19.38 0.48
C ASP A 213 -2.25 -17.89 0.77
N GLN A 214 -3.34 -17.30 0.31
CA GLN A 214 -3.72 -15.94 0.68
C GLN A 214 -4.45 -16.04 2.00
N LEU A 215 -4.27 -15.01 2.82
CA LEU A 215 -4.66 -15.08 4.23
C LEU A 215 -5.86 -14.17 4.53
N ASN A 216 -6.68 -14.59 5.53
CA ASN A 216 -7.70 -13.69 6.06
C ASN A 216 -7.31 -13.17 7.44
N SER A 217 -6.19 -13.63 8.01
CA SER A 217 -5.86 -13.20 9.38
C SER A 217 -5.37 -11.76 9.37
N VAL A 218 -5.49 -11.14 10.53
CA VAL A 218 -5.12 -9.75 10.73
C VAL A 218 -4.46 -9.67 12.08
N GLU A 219 -3.30 -9.00 12.17
CA GLU A 219 -2.60 -8.82 13.45
C GLU A 219 -2.17 -7.37 13.57
N ARG A 220 -1.95 -6.94 14.81
CA ARG A 220 -1.60 -5.55 15.02
C ARG A 220 -0.48 -5.46 16.05
N TYR A 221 0.40 -4.49 15.80
CA TYR A 221 1.60 -4.21 16.61
C TYR A 221 1.27 -2.98 17.44
N ASP A 222 1.25 -3.14 18.76
CA ASP A 222 0.97 -2.05 19.69
C ASP A 222 2.30 -1.35 19.92
N VAL A 223 2.41 -0.06 19.64
CA VAL A 223 3.75 0.55 19.72
C VAL A 223 4.26 0.62 21.17
N GLU A 224 3.40 0.60 22.18
CA GLU A 224 3.85 0.62 23.58
C GLU A 224 4.40 -0.74 24.00
N THR A 225 3.65 -1.80 23.75
CA THR A 225 4.10 -3.14 24.20
C THR A 225 5.05 -3.77 23.20
N GLU A 226 5.12 -3.25 21.96
CA GLU A 226 5.95 -3.84 20.88
C GLU A 226 5.56 -5.28 20.59
N THR A 227 4.30 -5.65 20.81
CA THR A 227 3.80 -7.01 20.64
C THR A 227 2.81 -7.04 19.49
N TRP A 228 2.86 -8.10 18.68
CA TRP A 228 1.85 -8.38 17.65
C TRP A 228 0.76 -9.33 18.20
N THR A 229 -0.54 -8.94 18.11
CA THR A 229 -1.66 -9.78 18.56
CA THR A 229 -1.66 -9.78 18.56
C THR A 229 -2.66 -9.87 17.42
N PHE A 230 -3.25 -11.05 17.24
CA PHE A 230 -4.33 -11.21 16.26
C PHE A 230 -5.59 -10.51 16.69
N VAL A 231 -6.28 -9.95 15.72
CA VAL A 231 -7.64 -9.45 15.94
C VAL A 231 -8.58 -10.27 15.06
N ALA A 232 -9.85 -9.87 14.93
CA ALA A 232 -10.76 -10.65 14.09
C ALA A 232 -10.25 -10.75 12.66
N PRO A 233 -10.39 -11.92 12.02
CA PRO A 233 -10.01 -12.04 10.60
C PRO A 233 -11.04 -11.42 9.67
N MET A 234 -10.54 -11.01 8.49
CA MET A 234 -11.45 -10.48 7.47
C MET A 234 -12.37 -11.63 7.02
N LYS A 235 -13.50 -11.26 6.43
CA LYS A 235 -14.40 -12.31 5.91
C LYS A 235 -13.79 -13.00 4.71
N HIS A 236 -13.01 -12.28 3.89
CA HIS A 236 -12.45 -12.88 2.70
C HIS A 236 -10.94 -12.87 2.73
N ARG A 237 -10.32 -14.01 2.47
N ARG A 237 -10.33 -14.02 2.49
CA ARG A 237 -8.88 -14.05 2.29
CA ARG A 237 -8.88 -14.09 2.26
C ARG A 237 -8.48 -13.21 1.11
C ARG A 237 -8.51 -13.17 1.11
N ARG A 238 -7.38 -12.51 1.26
CA ARG A 238 -6.96 -11.62 0.18
C ARG A 238 -5.50 -11.22 0.34
N SER A 239 -4.79 -11.21 -0.76
CA SER A 239 -3.41 -10.68 -0.85
C SER A 239 -3.39 -9.57 -1.88
N ALA A 240 -2.32 -8.77 -1.85
CA ALA A 240 -2.22 -7.67 -2.82
C ALA A 240 -3.45 -6.76 -2.79
N LEU A 241 -3.89 -6.47 -1.58
CA LEU A 241 -5.08 -5.64 -1.35
C LEU A 241 -4.69 -4.17 -1.13
N GLY A 242 -5.63 -3.29 -1.41
CA GLY A 242 -5.49 -1.90 -0.99
C GLY A 242 -5.97 -1.74 0.45
N ILE A 243 -5.49 -0.70 1.13
CA ILE A 243 -5.89 -0.48 2.52
C ILE A 243 -5.77 1.02 2.82
N THR A 244 -6.67 1.51 3.70
CA THR A 244 -6.52 2.82 4.30
C THR A 244 -7.36 2.89 5.56
N VAL A 245 -7.30 4.05 6.20
CA VAL A 245 -8.04 4.32 7.42
C VAL A 245 -8.85 5.58 7.18
N HIS A 246 -10.10 5.55 7.62
CA HIS A 246 -10.93 6.75 7.54
C HIS A 246 -11.85 6.77 8.73
N GLN A 247 -11.78 7.87 9.48
CA GLN A 247 -12.64 8.08 10.67
C GLN A 247 -12.65 6.87 11.60
N GLY A 248 -11.44 6.40 11.90
CA GLY A 248 -11.34 5.38 12.95
C GLY A 248 -11.63 3.96 12.51
N ARG A 249 -11.77 3.71 11.20
CA ARG A 249 -12.02 2.36 10.72
C ARG A 249 -11.04 2.05 9.60
N ILE A 250 -10.68 0.77 9.48
CA ILE A 250 -9.82 0.32 8.40
C ILE A 250 -10.70 -0.14 7.25
N TYR A 251 -10.33 0.24 6.05
CA TYR A 251 -10.99 -0.28 4.85
C TYR A 251 -9.96 -1.07 4.04
N VAL A 252 -10.35 -2.29 3.64
CA VAL A 252 -9.49 -3.09 2.75
C VAL A 252 -10.21 -3.20 1.43
N LEU A 253 -9.47 -3.04 0.32
CA LEU A 253 -10.12 -2.99 -0.99
C LEU A 253 -9.53 -4.03 -1.91
N GLY A 254 -10.38 -4.88 -2.44
CA GLY A 254 -9.95 -5.83 -3.51
C GLY A 254 -8.86 -6.80 -3.05
N GLY A 255 -8.02 -7.18 -4.01
CA GLY A 255 -6.95 -8.16 -3.82
C GLY A 255 -7.25 -9.45 -4.58
N TYR A 256 -6.46 -10.45 -4.25
CA TYR A 256 -6.48 -11.76 -4.93
C TYR A 256 -6.64 -12.83 -3.89
N ASP A 257 -7.46 -13.83 -4.19
CA ASP A 257 -7.67 -14.91 -3.21
C ASP A 257 -7.25 -16.28 -3.72
N GLY A 258 -6.47 -16.29 -4.81
CA GLY A 258 -6.05 -17.54 -5.41
C GLY A 258 -7.00 -18.04 -6.46
N HIS A 259 -8.23 -17.52 -6.47
CA HIS A 259 -9.26 -17.96 -7.42
C HIS A 259 -9.80 -16.82 -8.23
N THR A 260 -9.87 -15.63 -7.66
CA THR A 260 -10.41 -14.49 -8.39
CA THR A 260 -10.53 -14.48 -8.27
C THR A 260 -9.78 -13.22 -7.86
N PHE A 261 -9.91 -12.19 -8.68
CA PHE A 261 -9.61 -10.80 -8.30
C PHE A 261 -10.84 -10.20 -7.63
N LEU A 262 -10.68 -9.78 -6.38
CA LEU A 262 -11.84 -9.44 -5.58
C LEU A 262 -12.31 -8.01 -5.82
N ASP A 263 -13.62 -7.82 -5.75
CA ASP A 263 -14.23 -6.47 -5.72
C ASP A 263 -14.69 -6.07 -4.33
N SER A 264 -14.56 -6.96 -3.37
N SER A 264 -14.62 -6.97 -3.37
CA SER A 264 -15.07 -6.74 -2.03
CA SER A 264 -15.23 -6.64 -2.09
C SER A 264 -14.31 -5.64 -1.32
C SER A 264 -14.37 -5.66 -1.32
N VAL A 265 -15.04 -4.80 -0.57
CA VAL A 265 -14.43 -3.83 0.35
C VAL A 265 -14.97 -4.14 1.73
N GLU A 266 -14.09 -4.39 2.68
CA GLU A 266 -14.49 -4.65 4.07
C GLU A 266 -13.96 -3.53 4.96
N CYS A 267 -14.66 -3.32 6.09
CA CYS A 267 -14.39 -2.21 6.98
C CYS A 267 -14.28 -2.79 8.38
N TYR A 268 -13.17 -2.48 9.06
CA TYR A 268 -12.94 -2.99 10.41
C TYR A 268 -13.23 -1.92 11.43
N ASP A 269 -14.03 -2.31 12.46
CA ASP A 269 -14.34 -1.46 13.60
C ASP A 269 -13.55 -1.97 14.79
N PRO A 270 -12.56 -1.22 15.30
CA PRO A 270 -11.77 -1.75 16.41
C PRO A 270 -12.56 -1.87 17.70
N ASP A 271 -13.63 -1.09 17.89
CA ASP A 271 -14.31 -1.13 19.17
C ASP A 271 -15.12 -2.41 19.32
N THR A 272 -15.71 -2.87 18.24
CA THR A 272 -16.47 -4.11 18.27
C THR A 272 -15.65 -5.30 17.77
N ASP A 273 -14.44 -5.06 17.25
CA ASP A 273 -13.58 -6.09 16.67
C ASP A 273 -14.37 -6.90 15.63
N THR A 274 -14.98 -6.18 14.70
CA THR A 274 -15.73 -6.80 13.62
CA THR A 274 -15.79 -6.77 13.63
C THR A 274 -15.42 -6.16 12.28
N TRP A 275 -15.41 -7.01 11.24
CA TRP A 275 -15.34 -6.57 9.86
C TRP A 275 -16.73 -6.65 9.27
N SER A 276 -17.05 -5.68 8.41
CA SER A 276 -18.32 -5.68 7.69
CA SER A 276 -18.29 -5.79 7.67
C SER A 276 -18.04 -5.39 6.21
N GLU A 277 -18.86 -5.93 5.32
CA GLU A 277 -18.66 -5.61 3.92
C GLU A 277 -19.46 -4.36 3.63
N VAL A 278 -18.83 -3.34 3.10
CA VAL A 278 -19.45 -2.03 3.02
C VAL A 278 -19.82 -1.64 1.62
N THR A 279 -19.13 -2.14 0.62
CA THR A 279 -19.40 -1.72 -0.74
C THR A 279 -18.61 -2.68 -1.60
N ARG A 280 -18.85 -2.63 -2.89
CA ARG A 280 -17.99 -3.36 -3.83
C ARG A 280 -17.37 -2.33 -4.78
N MET A 281 -16.11 -2.56 -5.15
CA MET A 281 -15.54 -1.79 -6.24
C MET A 281 -16.29 -2.07 -7.55
N THR A 282 -16.12 -1.18 -8.54
CA THR A 282 -16.87 -1.32 -9.79
C THR A 282 -16.35 -2.48 -10.59
N SER A 283 -15.13 -2.98 -10.33
CA SER A 283 -14.66 -4.23 -10.88
C SER A 283 -13.58 -4.78 -9.98
N GLY A 284 -13.39 -6.09 -10.04
CA GLY A 284 -12.38 -6.74 -9.20
C GLY A 284 -10.99 -6.40 -9.69
N ARG A 285 -10.04 -6.33 -8.75
CA ARG A 285 -8.68 -5.96 -9.08
C ARG A 285 -7.79 -6.21 -7.87
N SER A 286 -6.48 -6.41 -8.13
CA SER A 286 -5.49 -6.49 -7.08
C SER A 286 -4.40 -5.46 -7.37
N GLY A 287 -3.46 -5.27 -6.43
CA GLY A 287 -2.26 -4.49 -6.75
C GLY A 287 -2.49 -3.02 -6.95
N VAL A 288 -3.47 -2.47 -6.30
CA VAL A 288 -3.85 -1.05 -6.36
C VAL A 288 -3.03 -0.21 -5.40
N GLY A 289 -3.01 1.09 -5.67
CA GLY A 289 -2.55 2.08 -4.67
C GLY A 289 -3.79 2.76 -4.10
N VAL A 290 -3.83 2.96 -2.79
CA VAL A 290 -4.98 3.55 -2.12
C VAL A 290 -4.49 4.64 -1.21
N ALA A 291 -5.27 5.73 -1.12
CA ALA A 291 -5.01 6.76 -0.12
C ALA A 291 -6.29 7.54 0.13
N VAL A 292 -6.29 8.32 1.20
N VAL A 292 -6.30 8.32 1.21
CA VAL A 292 -7.46 9.12 1.54
CA VAL A 292 -7.46 9.12 1.57
C VAL A 292 -7.08 10.59 1.59
C VAL A 292 -7.08 10.60 1.61
N THR A 293 -7.96 11.44 1.07
CA THR A 293 -7.84 12.91 1.19
C THR A 293 -9.16 13.55 0.78
C1 GOL B . -9.58 -13.30 -13.74
O1 GOL B . -9.17 -13.35 -15.11
C2 GOL B . -10.92 -14.07 -13.54
O2 GOL B . -11.96 -13.48 -14.23
C3 GOL B . -11.16 -14.22 -11.99
O3 GOL B . -11.28 -12.90 -11.37
S DMS C . 4.16 -11.87 -9.31
O DMS C . 4.26 -10.72 -8.40
C1 DMS C . 4.99 -13.18 -8.43
C2 DMS C . 2.52 -12.67 -9.12
N 08A D . 3.46 -8.30 -11.04
CA 08A D . 3.22 -9.35 -11.95
O 08A D . -6.04 -13.72 -14.95
CB 08A D . 2.01 -9.70 -12.59
CG 08A D . 2.11 -10.74 -13.48
CD1 08A D . 0.86 -11.20 -14.26
CD2 08A D . 3.35 -11.34 -13.70
CE1 08A D . 1.27 -11.62 -15.68
CZ 08A D . 2.07 -10.53 -16.44
OH 08A D . 3.17 -10.83 -16.95
C11 08A D . -0.03 -12.23 -13.58
C12 08A D . -1.19 -12.55 -14.27
C13 08A D . -2.06 -13.50 -13.76
C14 08A D . -1.77 -14.15 -12.56
C15 08A D . -0.65 -13.84 -11.87
C16 08A D . 0.22 -12.88 -12.40
C17 08A D . -0.20 -14.48 -10.59
C18 08A D . -2.77 -15.18 -12.01
C19 08A D . -3.58 -15.71 -13.19
C2 08A D . 4.44 -9.93 -12.23
C20 08A D . -3.31 -13.76 -14.60
C21 08A D . -5.61 -14.54 -14.15
C22 08A D . -6.55 -15.37 -13.43
C23 08A D . -7.54 -15.94 -14.20
C24 08A D . -8.47 -16.75 -13.55
C25 08A D . -8.43 -16.90 -12.17
C26 08A D . -7.44 -16.31 -11.42
C27 08A D . -6.48 -15.54 -12.07
C28 08A D . 6.77 -9.42 -11.36
C29 08A D . 7.20 -10.75 -10.89
C3 08A D . 4.56 -11.01 -13.10
C7 08A D . 0.72 -8.96 -12.23
N1 08A D . 5.34 -9.26 -11.44
N2 08A D . 4.73 -8.25 -10.73
N4 08A D . -4.27 -14.60 -13.84
O2 08A D . 1.48 -9.41 -16.49
N 08A E . -0.69 -13.67 -3.87
CA 08A E . 0.61 -13.37 -4.16
O 08A E . -1.65 -7.34 -8.40
CB 08A E . 1.38 -12.27 -3.76
CG 08A E . 2.70 -12.23 -4.18
CD1 08A E . 3.59 -11.03 -3.83
CD2 08A E . 3.20 -13.25 -5.02
CE1 08A E . 5.08 -11.22 -4.18
CZ 08A E . 5.74 -12.43 -3.50
OH 08A E . 6.58 -13.02 -4.21
C11 08A E . 3.01 -9.80 -4.49
C12 08A E . 2.62 -9.79 -5.83
C13 08A E . 2.00 -8.69 -6.40
C14 08A E . 1.82 -7.53 -5.65
C15 08A E . 2.24 -7.52 -4.34
C16 08A E . 2.83 -8.62 -3.74
C17 08A E . 2.03 -6.25 -3.57
C18 08A E . 1.15 -6.32 -6.29
C19 08A E . 0.90 -6.48 -7.79
C2 08A E . 1.14 -14.36 -4.97
C20 08A E . 1.62 -8.78 -7.85
C21 08A E . -0.81 -8.22 -8.29
C22 08A E . -1.17 -9.64 -8.33
C23 08A E . -1.11 -10.42 -7.17
C24 08A E . -1.60 -11.73 -7.23
C25 08A E . -2.09 -12.25 -8.41
C26 08A E . -2.14 -11.44 -9.54
C27 08A E . -1.68 -10.13 -9.52
C28 08A E . 0.02 -16.50 -5.92
C29 08A E . -0.18 -16.15 -7.41
C3 08A E . 2.46 -14.33 -5.42
C7 08A E . 0.77 -11.20 -2.92
N1 08A E . 0.10 -15.25 -5.13
N2 08A E . -1.01 -14.85 -4.47
N4 08A E . 0.49 -7.87 -8.08
O2 08A E . 5.43 -12.76 -2.33
#